data_5XWH
#
_entry.id   5XWH
#
_cell.length_a   47.806
_cell.length_b   64.109
_cell.length_c   86.333
_cell.angle_alpha   90.00
_cell.angle_beta   90.00
_cell.angle_gamma   90.00
#
_symmetry.space_group_name_H-M   'P 21 2 21'
#
loop_
_entity.id
_entity.type
_entity.pdbx_description
1 polymer 'FrnE protein'
2 water water
#
_entity_poly.entity_id   1
_entity_poly.type   'polypeptide(L)'
_entity_poly.pdbx_seq_one_letter_code
;MTNLAPANSEKIRVDIWSDIACPWCYIGKRRFESALGQFPQRDQVEVVWHSFELDPSARPLNPIAMRDGLAMKYSISPAQ
AQGSLDHMTQTAAQEGLEYHFDRVKLANTFLAHQLIHYAAEQGQGDAMKERLLRAYMSEGQNVNDLDTLQKLAAEVGLDA
GAARAALEAGTYAQAVRYDEAQAQQLGITGVPFFVLGGKYGVSGAQAPETLLGALSQVWAEQHPAPLTMLGQDAPAEGCE
DGQCAVPQRPNNLEHHHHHH
;
_entity_poly.pdbx_strand_id   A
#
# COMPACT_ATOMS: atom_id res chain seq x y z
N LYS A 11 -3.81 -20.70 6.04
CA LYS A 11 -3.55 -19.46 5.32
C LYS A 11 -3.15 -18.32 6.23
N ILE A 12 -2.39 -17.37 5.69
CA ILE A 12 -2.00 -16.17 6.42
C ILE A 12 -2.45 -14.91 5.69
N ARG A 13 -3.29 -14.14 6.35
CA ARG A 13 -3.83 -12.91 5.77
C ARG A 13 -2.97 -11.72 6.17
N VAL A 14 -2.50 -10.97 5.18
CA VAL A 14 -1.84 -9.71 5.44
C VAL A 14 -2.64 -8.56 4.84
N ASP A 15 -3.08 -7.64 5.68
CA ASP A 15 -3.80 -6.45 5.23
C ASP A 15 -2.87 -5.24 5.29
N ILE A 16 -2.70 -4.56 4.16
CA ILE A 16 -1.82 -3.41 4.11
C ILE A 16 -2.59 -2.14 3.69
N TRP A 17 -2.56 -1.12 4.55
CA TRP A 17 -3.08 0.19 4.18
C TRP A 17 -1.96 1.02 3.61
N SER A 18 -2.27 1.73 2.54
CA SER A 18 -1.24 2.44 1.80
C SER A 18 -1.82 3.58 0.95
N ASP A 19 -1.04 4.65 0.75
CA ASP A 19 -1.41 5.69 -0.23
C ASP A 19 -0.42 5.71 -1.36
N ILE A 20 -0.93 5.93 -2.57
CA ILE A 20 -0.06 6.08 -3.73
C ILE A 20 0.88 7.27 -3.53
N ALA A 21 0.43 8.28 -2.77
CA ALA A 21 1.19 9.52 -2.61
C ALA A 21 2.28 9.44 -1.54
N CYS A 22 2.43 8.29 -0.89
CA CYS A 22 3.39 8.16 0.20
C CYS A 22 4.62 7.38 -0.24
N PRO A 23 5.78 8.04 -0.23
CA PRO A 23 7.01 7.39 -0.70
C PRO A 23 7.44 6.23 0.20
N TRP A 24 7.05 6.26 1.46
CA TRP A 24 7.39 5.19 2.38
C TRP A 24 6.58 3.96 2.05
N CYS A 25 5.43 4.15 1.40
CA CYS A 25 4.63 2.99 1.05
C CYS A 25 5.31 2.15 -0.04
N TYR A 26 5.96 2.81 -0.99
CA TYR A 26 6.64 2.10 -2.06
C TYR A 26 7.85 1.37 -1.48
N ILE A 27 8.60 2.06 -0.64
CA ILE A 27 9.73 1.47 0.09
C ILE A 27 9.24 0.27 0.90
N GLY A 28 8.14 0.48 1.62
CA GLY A 28 7.56 -0.58 2.44
C GLY A 28 7.11 -1.78 1.64
N LYS A 29 6.56 -1.53 0.45
CA LYS A 29 6.13 -2.63 -0.41
C LYS A 29 7.32 -3.52 -0.79
N ARG A 30 8.45 -2.89 -1.11
CA ARG A 30 9.67 -3.61 -1.47
CA ARG A 30 9.66 -3.62 -1.48
C ARG A 30 10.21 -4.43 -0.30
N ARG A 31 10.24 -3.82 0.88
CA ARG A 31 10.73 -4.47 2.08
C ARG A 31 9.84 -5.64 2.50
N PHE A 32 8.53 -5.46 2.37
CA PHE A 32 7.61 -6.56 2.59
C PHE A 32 7.82 -7.66 1.55
N GLU A 33 8.05 -7.29 0.30
CA GLU A 33 8.29 -8.29 -0.74
C GLU A 33 9.60 -9.05 -0.46
N SER A 34 10.58 -8.35 0.11
CA SER A 34 11.84 -8.99 0.51
C SER A 34 11.58 -10.01 1.63
N ALA A 35 10.76 -9.61 2.61
CA ALA A 35 10.35 -10.50 3.69
C ALA A 35 9.66 -11.74 3.16
N LEU A 36 8.71 -11.53 2.25
CA LEU A 36 7.92 -12.63 1.68
C LEU A 36 8.81 -13.65 0.97
N GLY A 37 9.75 -13.16 0.15
CA GLY A 37 10.71 -14.02 -0.50
C GLY A 37 11.54 -14.91 0.41
N GLN A 38 11.76 -14.47 1.66
CA GLN A 38 12.56 -15.23 2.61
C GLN A 38 11.72 -16.15 3.50
N PHE A 39 10.40 -16.03 3.37
CA PHE A 39 9.45 -16.74 4.22
C PHE A 39 9.04 -18.06 3.57
N PRO A 40 9.45 -19.20 4.17
CA PRO A 40 9.22 -20.51 3.58
C PRO A 40 7.76 -20.75 3.17
N GLN A 41 6.82 -20.30 3.99
CA GLN A 41 5.41 -20.49 3.72
C GLN A 41 4.79 -19.31 2.97
N ARG A 42 5.53 -18.74 2.03
CA ARG A 42 5.07 -17.54 1.31
C ARG A 42 3.80 -17.84 0.48
N ASP A 43 3.69 -19.06 -0.03
CA ASP A 43 2.56 -19.45 -0.86
C ASP A 43 1.25 -19.49 -0.08
N GLN A 44 1.33 -19.38 1.25
CA GLN A 44 0.12 -19.43 2.08
C GLN A 44 -0.28 -18.04 2.56
N VAL A 45 0.45 -17.03 2.11
CA VAL A 45 0.15 -15.65 2.45
C VAL A 45 -0.80 -15.03 1.44
N GLU A 46 -1.90 -14.45 1.90
CA GLU A 46 -2.75 -13.65 1.02
C GLU A 46 -2.64 -12.17 1.37
N VAL A 47 -2.13 -11.39 0.43
CA VAL A 47 -1.98 -9.97 0.66
C VAL A 47 -3.23 -9.25 0.14
N VAL A 48 -3.81 -8.40 0.98
CA VAL A 48 -4.93 -7.57 0.55
C VAL A 48 -4.57 -6.10 0.78
N TRP A 49 -4.46 -5.34 -0.29
CA TRP A 49 -4.18 -3.91 -0.20
C TRP A 49 -5.46 -3.16 0.16
N HIS A 50 -5.33 -2.17 1.04
CA HIS A 50 -6.47 -1.31 1.39
C HIS A 50 -6.12 0.13 1.11
N SER A 51 -7.13 0.90 0.73
CA SER A 51 -6.96 2.31 0.41
C SER A 51 -6.72 3.16 1.64
N PHE A 52 -5.81 4.11 1.53
CA PHE A 52 -5.62 5.14 2.54
C PHE A 52 -5.23 6.43 1.82
N GLU A 53 -5.80 7.55 2.24
CA GLU A 53 -5.45 8.85 1.67
C GLU A 53 -4.83 9.72 2.75
N LEU A 54 -3.62 10.21 2.47
CA LEU A 54 -2.96 11.12 3.39
C LEU A 54 -3.79 12.39 3.53
N ASP A 55 -4.45 12.79 2.45
CA ASP A 55 -5.29 13.98 2.46
C ASP A 55 -6.47 13.77 1.53
N PRO A 56 -7.57 13.22 2.09
CA PRO A 56 -8.80 12.92 1.35
C PRO A 56 -9.41 14.18 0.70
N SER A 57 -9.15 15.36 1.26
CA SER A 57 -9.71 16.58 0.70
C SER A 57 -8.72 17.36 -0.17
N ALA A 58 -7.62 16.72 -0.56
CA ALA A 58 -6.64 17.40 -1.43
C ALA A 58 -7.28 17.87 -2.72
N ARG A 59 -6.81 19.00 -3.25
CA ARG A 59 -7.22 19.47 -4.59
C ARG A 59 -7.02 18.35 -5.58
N PRO A 60 -7.82 18.33 -6.66
CA PRO A 60 -7.56 17.36 -7.73
C PRO A 60 -6.08 17.37 -8.12
N LEU A 61 -5.56 18.55 -8.44
CA LEU A 61 -4.13 18.68 -8.72
C LEU A 61 -3.56 19.98 -8.13
N ASN A 62 -2.67 19.83 -7.16
CA ASN A 62 -1.93 20.95 -6.58
C ASN A 62 -0.65 21.18 -7.41
N PRO A 63 -0.49 22.38 -7.98
CA PRO A 63 0.61 22.64 -8.92
C PRO A 63 1.97 22.94 -8.29
N ILE A 64 2.08 22.95 -6.97
CA ILE A 64 3.34 23.31 -6.33
C ILE A 64 4.31 22.13 -6.27
N ALA A 65 5.60 22.44 -6.12
CA ALA A 65 6.63 21.43 -6.00
C ALA A 65 6.43 20.57 -4.77
N MET A 66 6.73 19.28 -4.87
CA MET A 66 6.63 18.39 -3.72
C MET A 66 7.40 18.90 -2.51
N ARG A 67 8.59 19.46 -2.75
CA ARG A 67 9.37 20.04 -1.66
C ARG A 67 8.59 21.10 -0.89
N ASP A 68 7.81 21.91 -1.61
CA ASP A 68 7.08 23.00 -1.01
C ASP A 68 5.83 22.52 -0.29
N GLY A 69 5.13 21.57 -0.90
CA GLY A 69 3.95 20.99 -0.27
C GLY A 69 4.33 20.34 1.05
N LEU A 70 5.49 19.70 1.06
CA LEU A 70 6.00 19.03 2.23
C LEU A 70 6.40 20.05 3.30
N ALA A 71 7.03 21.15 2.87
CA ALA A 71 7.44 22.22 3.78
C ALA A 71 6.22 22.87 4.46
N MET A 72 5.15 23.01 3.70
CA MET A 72 3.91 23.61 4.22
C MET A 72 3.22 22.65 5.18
N LYS A 73 3.01 21.42 4.73
CA LYS A 73 2.28 20.41 5.50
C LYS A 73 2.95 20.14 6.85
N TYR A 74 4.28 20.17 6.88
CA TYR A 74 5.03 19.78 8.07
C TYR A 74 5.77 20.95 8.72
N SER A 75 5.45 22.17 8.27
CA SER A 75 5.89 23.39 8.93
C SER A 75 7.40 23.53 9.14
N ILE A 76 8.19 23.10 8.18
CA ILE A 76 9.64 23.29 8.25
C ILE A 76 10.18 24.04 7.04
N SER A 77 11.46 24.38 7.10
CA SER A 77 12.10 25.12 6.03
C SER A 77 12.17 24.30 4.75
N PRO A 78 12.16 24.96 3.59
CA PRO A 78 12.39 24.27 2.32
C PRO A 78 13.70 23.46 2.31
N ALA A 79 14.71 23.92 3.02
CA ALA A 79 16.00 23.23 3.06
C ALA A 79 15.90 21.88 3.79
N GLN A 80 15.10 21.83 4.84
CA GLN A 80 14.90 20.60 5.58
C GLN A 80 13.99 19.64 4.81
N ALA A 81 12.94 20.18 4.20
CA ALA A 81 12.01 19.38 3.41
C ALA A 81 12.75 18.66 2.29
N GLN A 82 13.74 19.33 1.72
CA GLN A 82 14.58 18.75 0.67
C GLN A 82 15.48 17.64 1.24
N GLY A 83 15.97 17.84 2.47
CA GLY A 83 16.80 16.85 3.13
C GLY A 83 15.98 15.59 3.30
N SER A 84 14.73 15.76 3.70
CA SER A 84 13.83 14.63 3.83
C SER A 84 13.57 13.95 2.47
N LEU A 85 13.36 14.74 1.43
CA LEU A 85 13.21 14.18 0.10
C LEU A 85 14.49 13.40 -0.30
N ASP A 86 15.65 14.00 -0.05
CA ASP A 86 16.93 13.37 -0.36
C ASP A 86 17.10 12.06 0.43
N HIS A 87 16.67 12.06 1.69
CA HIS A 87 16.71 10.85 2.50
C HIS A 87 15.83 9.75 1.91
N MET A 88 14.59 10.10 1.58
CA MET A 88 13.68 9.12 1.01
C MET A 88 14.18 8.60 -0.34
N THR A 89 14.73 9.50 -1.17
CA THR A 89 15.28 9.10 -2.47
C THR A 89 16.41 8.05 -2.33
N GLN A 90 17.33 8.27 -1.41
CA GLN A 90 18.45 7.35 -1.22
C GLN A 90 17.99 6.05 -0.58
N THR A 91 17.04 6.15 0.33
CA THR A 91 16.47 4.96 0.96
C THR A 91 15.77 4.10 -0.09
N ALA A 92 15.01 4.74 -0.98
CA ALA A 92 14.33 4.01 -2.05
C ALA A 92 15.32 3.34 -3.03
N ALA A 93 16.43 4.01 -3.30
CA ALA A 93 17.40 3.48 -4.24
C ALA A 93 17.90 2.12 -3.77
N GLN A 94 18.06 1.99 -2.45
CA GLN A 94 18.45 0.72 -1.85
C GLN A 94 17.40 -0.38 -2.01
N GLU A 95 16.20 -0.02 -2.43
CA GLU A 95 15.16 -1.01 -2.69
C GLU A 95 15.00 -1.24 -4.19
N GLY A 96 15.88 -0.64 -4.98
CA GLY A 96 15.76 -0.71 -6.42
C GLY A 96 14.78 0.31 -7.00
N LEU A 97 14.50 1.38 -6.25
CA LEU A 97 13.52 2.39 -6.67
C LEU A 97 14.24 3.69 -7.01
N GLU A 98 14.01 4.20 -8.22
CA GLU A 98 14.60 5.48 -8.60
C GLU A 98 13.55 6.59 -8.59
N TYR A 99 13.48 7.32 -7.48
CA TYR A 99 12.48 8.37 -7.31
C TYR A 99 12.86 9.61 -8.10
N HIS A 100 11.86 10.40 -8.47
CA HIS A 100 12.07 11.70 -9.11
C HIS A 100 11.06 12.70 -8.55
N PHE A 101 11.38 13.21 -7.37
CA PHE A 101 10.46 14.00 -6.60
C PHE A 101 10.23 15.36 -7.26
N ASP A 102 11.24 15.83 -7.98
CA ASP A 102 11.14 17.09 -8.71
C ASP A 102 10.06 17.04 -9.78
N ARG A 103 9.59 15.84 -10.12
CA ARG A 103 8.56 15.72 -11.15
C ARG A 103 7.23 15.30 -10.56
N VAL A 104 7.20 15.06 -9.26
CA VAL A 104 5.98 14.59 -8.63
C VAL A 104 4.82 15.58 -8.86
N LYS A 105 3.69 15.05 -9.30
CA LYS A 105 2.46 15.85 -9.40
C LYS A 105 1.63 15.61 -8.15
N LEU A 106 1.43 16.65 -7.34
CA LEU A 106 0.70 16.52 -6.08
C LEU A 106 -0.81 16.39 -6.33
N ALA A 107 -1.25 15.17 -6.59
CA ALA A 107 -2.59 14.87 -7.04
C ALA A 107 -3.45 14.22 -5.96
N ASN A 108 -4.74 14.48 -6.01
CA ASN A 108 -5.69 13.73 -5.20
C ASN A 108 -5.73 12.27 -5.67
N THR A 109 -5.61 11.31 -4.75
CA THR A 109 -5.43 9.90 -5.11
C THR A 109 -6.70 9.03 -5.06
N PHE A 110 -7.84 9.66 -4.81
CA PHE A 110 -9.11 8.96 -4.67
C PHE A 110 -9.42 8.08 -5.88
N LEU A 111 -9.33 8.63 -7.07
CA LEU A 111 -9.59 7.87 -8.29
C LEU A 111 -8.59 6.74 -8.51
N ALA A 112 -7.33 7.01 -8.22
CA ALA A 112 -6.29 5.99 -8.35
C ALA A 112 -6.59 4.80 -7.44
N HIS A 113 -7.00 5.08 -6.20
CA HIS A 113 -7.37 3.98 -5.31
C HIS A 113 -8.54 3.20 -5.87
N GLN A 114 -9.50 3.91 -6.48
CA GLN A 114 -10.64 3.25 -7.13
C GLN A 114 -10.16 2.30 -8.23
N LEU A 115 -9.17 2.73 -9.01
CA LEU A 115 -8.60 1.92 -10.08
C LEU A 115 -8.02 0.63 -9.49
N ILE A 116 -7.36 0.75 -8.34
CA ILE A 116 -6.79 -0.41 -7.67
C ILE A 116 -7.90 -1.38 -7.29
N HIS A 117 -9.01 -0.86 -6.79
CA HIS A 117 -10.14 -1.72 -6.48
C HIS A 117 -10.69 -2.41 -7.74
N TYR A 118 -10.75 -1.70 -8.85
CA TYR A 118 -11.20 -2.31 -10.10
C TYR A 118 -10.23 -3.44 -10.46
N ALA A 119 -8.95 -3.11 -10.41
CA ALA A 119 -7.90 -4.07 -10.77
C ALA A 119 -7.94 -5.33 -9.91
N ALA A 120 -8.24 -5.16 -8.62
CA ALA A 120 -8.26 -6.30 -7.71
C ALA A 120 -9.39 -7.28 -8.07
N GLU A 121 -10.51 -6.77 -8.57
CA GLU A 121 -11.60 -7.65 -8.98
C GLU A 121 -11.19 -8.55 -10.15
N GLN A 122 -10.15 -8.15 -10.87
CA GLN A 122 -9.59 -8.95 -11.95
C GLN A 122 -8.37 -9.74 -11.47
N GLY A 123 -8.03 -9.62 -10.20
CA GLY A 123 -6.90 -10.33 -9.63
C GLY A 123 -5.56 -9.66 -9.88
N GLN A 124 -5.62 -8.40 -10.30
CA GLN A 124 -4.43 -7.62 -10.63
C GLN A 124 -4.20 -6.45 -9.67
N GLY A 125 -4.67 -6.58 -8.43
CA GLY A 125 -4.53 -5.50 -7.48
C GLY A 125 -3.10 -5.06 -7.25
N ASP A 126 -2.22 -6.01 -6.99
CA ASP A 126 -0.85 -5.68 -6.67
C ASP A 126 -0.12 -5.05 -7.86
N ALA A 127 -0.31 -5.61 -9.05
CA ALA A 127 0.26 -5.03 -10.26
C ALA A 127 -0.21 -3.57 -10.49
N MET A 128 -1.49 -3.30 -10.24
CA MET A 128 -2.01 -1.95 -10.40
C MET A 128 -1.41 -0.99 -9.38
N LYS A 129 -1.33 -1.46 -8.13
CA LYS A 129 -0.76 -0.68 -7.04
C LYS A 129 0.70 -0.32 -7.37
N GLU A 130 1.41 -1.31 -7.87
CA GLU A 130 2.81 -1.15 -8.25
C GLU A 130 2.97 -0.12 -9.38
N ARG A 131 2.14 -0.25 -10.42
CA ARG A 131 2.21 0.65 -11.56
C ARG A 131 2.01 2.08 -11.12
N LEU A 132 1.05 2.27 -10.22
CA LEU A 132 0.64 3.61 -9.81
C LEU A 132 1.70 4.26 -8.93
N LEU A 133 2.31 3.46 -8.05
CA LEU A 133 3.42 3.95 -7.23
C LEU A 133 4.56 4.47 -8.10
N ARG A 134 4.89 3.69 -9.12
CA ARG A 134 5.95 4.06 -10.03
C ARG A 134 5.59 5.35 -10.78
N ALA A 135 4.36 5.41 -11.26
CA ALA A 135 3.87 6.57 -12.01
C ALA A 135 3.96 7.87 -11.21
N TYR A 136 3.52 7.80 -9.96
CA TYR A 136 3.60 8.93 -9.04
C TYR A 136 5.04 9.29 -8.68
N MET A 137 5.80 8.32 -8.18
CA MET A 137 7.09 8.58 -7.56
C MET A 137 8.23 8.81 -8.53
N SER A 138 8.16 8.18 -9.68
CA SER A 138 9.29 8.19 -10.59
C SER A 138 8.99 8.84 -11.94
N GLU A 139 7.75 8.75 -12.40
CA GLU A 139 7.49 9.12 -13.79
C GLU A 139 6.75 10.44 -13.93
N GLY A 140 6.56 11.14 -12.81
CA GLY A 140 5.96 12.47 -12.86
C GLY A 140 4.56 12.46 -13.44
N GLN A 141 3.84 11.37 -13.25
CA GLN A 141 2.51 11.28 -13.80
C GLN A 141 1.48 11.81 -12.81
N ASN A 142 0.37 12.31 -13.36
CA ASN A 142 -0.74 12.82 -12.59
C ASN A 142 -1.79 11.73 -12.41
N VAL A 143 -1.87 11.14 -11.21
CA VAL A 143 -2.76 10.01 -11.00
C VAL A 143 -4.21 10.42 -10.67
N ASN A 144 -4.51 11.71 -10.74
CA ASN A 144 -5.90 12.17 -10.68
C ASN A 144 -6.49 12.31 -12.09
N ASP A 145 -5.63 12.20 -13.10
CA ASP A 145 -6.03 12.41 -14.50
C ASP A 145 -6.56 11.11 -15.12
N LEU A 146 -7.79 11.15 -15.67
CA LEU A 146 -8.42 9.94 -16.21
C LEU A 146 -7.67 9.32 -17.39
N ASP A 147 -7.20 10.14 -18.33
CA ASP A 147 -6.39 9.63 -19.44
C ASP A 147 -5.22 8.79 -18.92
N THR A 148 -4.50 9.35 -17.94
CA THR A 148 -3.34 8.74 -17.34
C THR A 148 -3.73 7.41 -16.69
N LEU A 149 -4.78 7.46 -15.88
CA LEU A 149 -5.24 6.27 -15.18
C LEU A 149 -5.63 5.17 -16.16
N GLN A 150 -6.31 5.51 -17.25
CA GLN A 150 -6.70 4.50 -18.24
C GLN A 150 -5.49 3.86 -18.89
N LYS A 151 -4.52 4.70 -19.26
CA LYS A 151 -3.26 4.26 -19.84
C LYS A 151 -2.55 3.28 -18.90
N LEU A 152 -2.45 3.65 -17.62
CA LEU A 152 -1.79 2.80 -16.63
C LEU A 152 -2.49 1.45 -16.49
N ALA A 153 -3.82 1.47 -16.48
CA ALA A 153 -4.63 0.27 -16.50
C ALA A 153 -4.30 -0.64 -17.70
N ALA A 154 -4.21 -0.02 -18.88
CA ALA A 154 -3.85 -0.77 -20.08
C ALA A 154 -2.46 -1.41 -19.92
N GLU A 155 -1.53 -0.65 -19.34
CA GLU A 155 -0.17 -1.13 -19.18
C GLU A 155 -0.15 -2.34 -18.25
N VAL A 156 -1.09 -2.38 -17.29
CA VAL A 156 -1.19 -3.49 -16.35
C VAL A 156 -1.84 -4.72 -17.01
N GLY A 157 -2.48 -4.49 -18.16
CA GLY A 157 -3.13 -5.57 -18.88
C GLY A 157 -4.62 -5.65 -18.62
N LEU A 158 -5.16 -4.59 -18.03
CA LEU A 158 -6.59 -4.52 -17.79
C LEU A 158 -7.35 -4.12 -19.04
N ASP A 159 -8.65 -4.33 -19.03
CA ASP A 159 -9.55 -3.78 -20.05
C ASP A 159 -9.64 -2.26 -19.86
N ALA A 160 -8.89 -1.52 -20.67
CA ALA A 160 -8.71 -0.09 -20.45
C ALA A 160 -10.02 0.66 -20.55
N GLY A 161 -10.86 0.25 -21.49
CA GLY A 161 -12.16 0.88 -21.69
C GLY A 161 -13.07 0.62 -20.50
N ALA A 162 -13.08 -0.63 -20.03
CA ALA A 162 -13.88 -1.00 -18.88
C ALA A 162 -13.40 -0.31 -17.61
N ALA A 163 -12.08 -0.22 -17.44
CA ALA A 163 -11.50 0.42 -16.26
C ALA A 163 -11.89 1.90 -16.19
N ARG A 164 -11.77 2.58 -17.33
CA ARG A 164 -12.11 4.00 -17.39
C ARG A 164 -13.60 4.20 -17.15
N ALA A 165 -14.40 3.28 -17.65
CA ALA A 165 -15.85 3.36 -17.47
C ALA A 165 -16.19 3.26 -15.98
N ALA A 166 -15.53 2.33 -15.30
CA ALA A 166 -15.66 2.15 -13.87
C ALA A 166 -15.30 3.40 -13.07
N LEU A 167 -14.20 4.05 -13.43
CA LEU A 167 -13.79 5.27 -12.74
C LEU A 167 -14.78 6.43 -12.94
N GLU A 168 -15.26 6.60 -14.18
CA GLU A 168 -16.20 7.68 -14.48
C GLU A 168 -17.51 7.48 -13.74
N ALA A 169 -17.86 6.22 -13.47
CA ALA A 169 -19.09 5.91 -12.76
C ALA A 169 -18.94 6.04 -11.25
N GLY A 170 -17.68 6.08 -10.79
CA GLY A 170 -17.37 6.04 -9.37
C GLY A 170 -17.77 4.73 -8.70
N THR A 171 -17.74 3.63 -9.45
CA THR A 171 -18.21 2.35 -8.96
C THR A 171 -17.57 1.91 -7.63
N TYR A 172 -16.25 2.10 -7.52
CA TYR A 172 -15.50 1.66 -6.34
C TYR A 172 -15.23 2.78 -5.36
N ALA A 173 -15.92 3.90 -5.54
CA ALA A 173 -15.78 5.05 -4.65
C ALA A 173 -16.12 4.68 -3.22
N GLN A 174 -17.25 3.99 -3.04
CA GLN A 174 -17.72 3.58 -1.72
C GLN A 174 -16.71 2.65 -1.03
N ALA A 175 -16.23 1.66 -1.77
CA ALA A 175 -15.26 0.70 -1.24
C ALA A 175 -13.97 1.36 -0.77
N VAL A 176 -13.54 2.42 -1.45
CA VAL A 176 -12.34 3.14 -1.04
C VAL A 176 -12.59 3.85 0.30
N ARG A 177 -13.75 4.50 0.41
CA ARG A 177 -14.14 5.19 1.63
C ARG A 177 -14.23 4.23 2.83
N TYR A 178 -14.77 3.04 2.58
CA TYR A 178 -14.87 2.01 3.61
C TYR A 178 -13.48 1.54 4.07
N ASP A 179 -12.57 1.36 3.11
CA ASP A 179 -11.18 1.06 3.43
C ASP A 179 -10.61 2.08 4.39
N GLU A 180 -10.80 3.35 4.06
CA GLU A 180 -10.29 4.45 4.85
C GLU A 180 -10.98 4.53 6.21
N ALA A 181 -12.29 4.28 6.22
CA ALA A 181 -13.07 4.23 7.45
C ALA A 181 -12.53 3.14 8.38
N GLN A 182 -12.31 1.95 7.82
CA GLN A 182 -11.74 0.83 8.56
C GLN A 182 -10.38 1.19 9.15
N ALA A 183 -9.55 1.86 8.35
CA ALA A 183 -8.24 2.33 8.84
C ALA A 183 -8.41 3.32 10.00
N GLN A 184 -9.33 4.27 9.83
CA GLN A 184 -9.60 5.22 10.91
C GLN A 184 -10.13 4.50 12.17
N GLN A 185 -11.03 3.53 11.99
CA GLN A 185 -11.59 2.80 13.14
C GLN A 185 -10.52 1.98 13.88
N LEU A 186 -9.47 1.58 13.18
CA LEU A 186 -8.35 0.82 13.76
C LEU A 186 -7.29 1.72 14.40
N GLY A 187 -7.45 3.03 14.27
CA GLY A 187 -6.46 3.95 14.78
C GLY A 187 -5.24 4.08 13.88
N ILE A 188 -5.34 3.58 12.65
CA ILE A 188 -4.26 3.73 11.69
C ILE A 188 -4.24 5.15 11.20
N THR A 189 -3.18 5.90 11.54
CA THR A 189 -3.13 7.30 11.15
C THR A 189 -1.93 7.58 10.26
N GLY A 190 -1.18 6.53 9.93
CA GLY A 190 -0.05 6.68 9.02
C GLY A 190 0.23 5.44 8.21
N VAL A 191 0.83 5.61 7.04
CA VAL A 191 1.06 4.49 6.14
C VAL A 191 2.54 4.39 5.72
N PRO A 192 2.99 3.19 5.33
CA PRO A 192 2.21 1.95 5.23
C PRO A 192 1.87 1.39 6.60
N PHE A 193 0.79 0.63 6.67
CA PHE A 193 0.44 -0.07 7.90
C PHE A 193 0.07 -1.51 7.56
N PHE A 194 0.70 -2.44 8.26
CA PHE A 194 0.49 -3.87 8.05
C PHE A 194 -0.33 -4.50 9.16
N VAL A 195 -1.33 -5.29 8.80
CA VAL A 195 -2.01 -6.13 9.77
C VAL A 195 -1.81 -7.57 9.34
N LEU A 196 -1.33 -8.38 10.28
CA LEU A 196 -1.05 -9.79 10.01
C LEU A 196 -1.91 -10.68 10.91
N GLY A 197 -2.54 -11.68 10.28
CA GLY A 197 -3.39 -12.60 11.01
C GLY A 197 -4.59 -11.95 11.66
N GLY A 198 -4.95 -10.76 11.16
CA GLY A 198 -6.05 -9.98 11.69
C GLY A 198 -5.85 -9.63 13.16
N LYS A 199 -4.61 -9.64 13.59
CA LYS A 199 -4.28 -9.59 15.01
C LYS A 199 -3.09 -8.71 15.31
N TYR A 200 -2.03 -8.86 14.52
CA TYR A 200 -0.81 -8.11 14.74
C TYR A 200 -0.67 -6.94 13.79
N GLY A 201 -0.24 -5.80 14.32
CA GLY A 201 -0.02 -4.63 13.49
C GLY A 201 1.45 -4.26 13.44
N VAL A 202 1.87 -3.81 12.26
CA VAL A 202 3.22 -3.27 12.09
C VAL A 202 3.08 -1.90 11.43
N SER A 203 3.60 -0.86 12.10
CA SER A 203 3.48 0.51 11.63
C SER A 203 4.72 1.04 10.92
N GLY A 204 4.54 1.57 9.72
CA GLY A 204 5.63 2.15 8.98
C GLY A 204 6.31 1.14 8.07
N ALA A 205 7.28 1.62 7.28
CA ALA A 205 8.07 0.75 6.39
C ALA A 205 9.21 0.11 7.16
N GLN A 206 8.90 -0.98 7.86
CA GLN A 206 9.89 -1.61 8.71
C GLN A 206 10.77 -2.59 7.91
N ALA A 207 11.93 -2.91 8.47
CA ALA A 207 12.88 -3.84 7.86
C ALA A 207 12.23 -5.15 7.45
N PRO A 208 12.75 -5.77 6.37
CA PRO A 208 12.33 -7.12 5.96
C PRO A 208 12.38 -8.10 7.13
N GLU A 209 13.43 -8.01 7.94
CA GLU A 209 13.62 -8.90 9.10
C GLU A 209 12.40 -8.83 10.02
N THR A 210 11.94 -7.61 10.27
CA THR A 210 10.79 -7.38 11.13
C THR A 210 9.50 -7.98 10.55
N LEU A 211 9.24 -7.75 9.27
CA LEU A 211 8.05 -8.33 8.63
C LEU A 211 8.18 -9.86 8.51
N LEU A 212 9.38 -10.36 8.26
CA LEU A 212 9.60 -11.81 8.26
C LEU A 212 9.35 -12.42 9.65
N GLY A 213 9.74 -11.71 10.71
CA GLY A 213 9.57 -12.21 12.06
C GLY A 213 8.10 -12.22 12.43
N ALA A 214 7.35 -11.22 11.95
CA ALA A 214 5.90 -11.20 12.11
C ALA A 214 5.26 -12.37 11.38
N LEU A 215 5.62 -12.55 10.12
CA LEU A 215 5.13 -13.69 9.34
C LEU A 215 5.44 -15.01 10.05
N SER A 216 6.68 -15.13 10.55
CA SER A 216 7.13 -16.33 11.24
C SER A 216 6.35 -16.56 12.52
N GLN A 217 6.16 -15.49 13.29
CA GLN A 217 5.46 -15.60 14.57
C GLN A 217 3.99 -15.98 14.35
N VAL A 218 3.39 -15.46 13.30
CA VAL A 218 1.99 -15.74 13.05
C VAL A 218 1.81 -17.19 12.61
N TRP A 219 2.64 -17.62 11.67
CA TRP A 219 2.61 -19.02 11.23
C TRP A 219 2.79 -20.01 12.40
N ALA A 220 3.68 -19.67 13.31
CA ALA A 220 3.97 -20.57 14.43
C ALA A 220 2.72 -20.72 15.30
N GLU A 221 2.03 -19.61 15.54
CA GLU A 221 0.79 -19.61 16.32
C GLU A 221 -0.29 -20.45 15.66
N GLN A 222 -0.27 -20.52 14.33
CA GLN A 222 -1.28 -21.28 13.61
C GLN A 222 -0.87 -22.73 13.42
N HIS A 223 0.41 -23.03 13.59
CA HIS A 223 0.86 -24.41 13.49
C HIS A 223 1.74 -24.80 14.67
N PRO A 224 1.19 -24.72 15.90
CA PRO A 224 2.05 -24.98 17.06
C PRO A 224 2.48 -26.44 17.11
N ALA A 225 3.50 -26.73 17.91
CA ALA A 225 3.99 -28.09 18.04
C ALA A 225 2.90 -28.99 18.60
N PRO A 226 2.72 -30.16 17.96
CA PRO A 226 1.74 -31.17 18.39
C PRO A 226 2.02 -31.68 19.81
N LEU A 227 0.97 -31.72 20.61
CA LEU A 227 1.06 -32.21 21.99
C LEU A 227 1.29 -33.70 22.05
N THR A 228 1.98 -34.15 23.09
CA THR A 228 2.05 -35.57 23.39
C THR A 228 0.86 -35.95 24.26
N MET A 229 -0.01 -36.81 23.75
CA MET A 229 -1.20 -37.20 24.48
C MET A 229 -0.90 -38.30 25.50
N LEU A 230 -1.59 -38.22 26.63
CA LEU A 230 -1.48 -39.23 27.67
C LEU A 230 -2.85 -39.83 27.95
N GLY A 231 -2.89 -41.13 28.21
CA GLY A 231 -4.14 -41.80 28.50
C GLY A 231 -4.97 -42.12 27.27
N ASP A 241 -16.58 -41.04 32.15
CA ASP A 241 -15.30 -40.68 31.57
C ASP A 241 -15.41 -40.11 30.14
N GLY A 242 -15.87 -38.87 30.01
CA GLY A 242 -16.09 -38.29 28.70
C GLY A 242 -15.82 -36.79 28.51
N GLN A 243 -16.35 -36.28 27.41
CA GLN A 243 -16.14 -34.89 27.03
C GLN A 243 -17.31 -34.38 26.17
N CYS A 244 -17.46 -33.06 26.04
CA CYS A 244 -18.38 -32.50 25.05
C CYS A 244 -17.58 -32.06 23.83
N ALA A 245 -17.93 -32.57 22.66
CA ALA A 245 -17.24 -32.16 21.44
C ALA A 245 -18.19 -31.42 20.52
N VAL A 246 -17.68 -30.36 19.89
CA VAL A 246 -18.46 -29.65 18.87
C VAL A 246 -18.46 -30.47 17.57
N PRO A 247 -19.66 -30.75 17.04
CA PRO A 247 -19.80 -31.56 15.83
C PRO A 247 -19.25 -30.86 14.58
#